data_2PC1
#
_entry.id   2PC1
#
_cell.length_a   35.480
_cell.length_b   37.650
_cell.length_c   41.500
_cell.angle_alpha   94.220
_cell.angle_beta   109.420
_cell.angle_gamma   113.080
#
_symmetry.space_group_name_H-M   'P 1'
#
loop_
_entity.id
_entity.type
_entity.pdbx_description
1 polymer 'Acetyltransferase, GNAT family'
2 non-polymer 'SULFATE ION'
3 non-polymer GLYCEROL
4 water water
#
_entity_poly.entity_id   1
_entity_poly.type   'polypeptide(L)'
_entity_poly.pdbx_seq_one_letter_code
;(MSE)GSDKIHHHHHHENLYFQG(MSE)QIRLAFPNEIDQI(MSE)LLIEEARAEIAKTGSDQWQKEDGYPNRNDIIDDI
LNGYAWVGIEDG(MSE)LATYAAVIDGHEEVYDAIYEGKWLHDNHRYLTFHRIAISNQFRGRGLAQTFLQGLIEGHKGPD
FRCDTHEKNVT(MSE)QHILNKLGYQYCGKVPLDGVRLAYQKIKEKGETSIYREIDERNP(MSE)
;
_entity_poly.pdbx_strand_id   A
#
# COMPACT_ATOMS: atom_id res chain seq x y z
N ASN A 14 -3.77 0.10 -17.34
CA ASN A 14 -4.46 -1.16 -17.80
C ASN A 14 -3.54 -2.39 -17.89
N LEU A 15 -3.24 -2.99 -16.74
CA LEU A 15 -2.35 -4.14 -16.65
C LEU A 15 -3.23 -5.35 -16.32
N TYR A 16 -2.87 -6.52 -16.84
CA TYR A 16 -3.42 -7.75 -16.29
C TYR A 16 -2.31 -8.57 -15.67
N PHE A 17 -2.57 -9.11 -14.49
CA PHE A 17 -1.61 -9.97 -13.85
C PHE A 17 -2.38 -11.11 -13.21
N GLN A 18 -2.08 -12.34 -13.67
CA GLN A 18 -2.72 -13.53 -13.16
CA GLN A 18 -2.74 -13.52 -13.15
C GLN A 18 -4.24 -13.36 -13.12
N GLY A 19 -4.78 -12.77 -14.19
CA GLY A 19 -6.20 -12.61 -14.36
C GLY A 19 -6.80 -11.39 -13.72
N GLN A 21 -7.31 -7.46 -13.28
CA GLN A 21 -7.13 -6.20 -13.99
CA GLN A 21 -7.11 -6.19 -13.98
C GLN A 21 -6.62 -5.20 -12.94
N ILE A 22 -5.50 -4.56 -13.25
CA ILE A 22 -4.83 -3.64 -12.36
C ILE A 22 -4.66 -2.33 -13.12
N ARG A 23 -5.25 -1.25 -12.59
CA ARG A 23 -5.30 -0.01 -13.33
C ARG A 23 -5.53 1.17 -12.41
N LEU A 24 -5.36 2.36 -12.92
CA LEU A 24 -5.74 3.53 -12.16
C LEU A 24 -7.24 3.54 -11.92
N ALA A 25 -7.61 3.95 -10.70
CA ALA A 25 -9.00 4.15 -10.37
C ALA A 25 -9.58 5.30 -11.17
N PHE A 26 -10.87 5.20 -11.51
CA PHE A 26 -11.62 6.34 -12.01
C PHE A 26 -12.38 7.07 -10.90
N PRO A 27 -12.66 8.36 -11.12
CA PRO A 27 -13.39 9.10 -10.08
C PRO A 27 -14.69 8.48 -9.67
N ASN A 28 -15.43 7.86 -10.58
CA ASN A 28 -16.70 7.32 -10.15
C ASN A 28 -16.59 6.03 -9.38
N GLU A 29 -15.37 5.58 -9.07
CA GLU A 29 -15.17 4.43 -8.21
C GLU A 29 -14.98 4.80 -6.74
N ILE A 30 -15.10 6.08 -6.42
CA ILE A 30 -14.86 6.54 -5.07
C ILE A 30 -15.70 5.79 -4.02
N ASP A 31 -16.99 5.54 -4.26
CA ASP A 31 -17.81 4.90 -3.25
C ASP A 31 -17.42 3.45 -3.08
N GLN A 32 -17.11 2.75 -4.16
CA GLN A 32 -16.67 1.39 -4.09
C GLN A 32 -15.36 1.31 -3.31
N ILE A 33 -14.44 2.23 -3.56
CA ILE A 33 -13.19 2.22 -2.82
C ILE A 33 -13.48 2.46 -1.35
N LEU A 35 -16.10 1.75 0.39
CA LEU A 35 -16.65 0.54 1.00
C LEU A 35 -15.53 -0.40 1.38
N LEU A 36 -14.55 -0.57 0.49
CA LEU A 36 -13.43 -1.44 0.71
C LEU A 36 -12.59 -0.92 1.85
N ILE A 37 -12.31 0.38 1.85
CA ILE A 37 -11.52 1.00 2.92
CA ILE A 37 -11.51 0.96 2.92
C ILE A 37 -12.18 0.77 4.28
N GLU A 38 -13.49 0.96 4.35
CA GLU A 38 -14.19 0.79 5.63
C GLU A 38 -14.16 -0.65 6.06
N GLU A 39 -14.28 -1.59 5.13
CA GLU A 39 -14.17 -3.02 5.46
C GLU A 39 -12.79 -3.29 6.05
N ALA A 40 -11.77 -2.78 5.39
CA ALA A 40 -10.43 -2.96 5.85
C ALA A 40 -10.18 -2.32 7.21
N ARG A 41 -10.73 -1.13 7.41
CA ARG A 41 -10.59 -0.44 8.67
C ARG A 41 -11.17 -1.29 9.80
N ALA A 42 -12.33 -1.93 9.57
CA ALA A 42 -12.97 -2.74 10.60
C ALA A 42 -12.14 -3.98 10.89
N GLU A 43 -11.53 -4.54 9.86
CA GLU A 43 -10.71 -5.73 10.06
CA GLU A 43 -10.69 -5.71 10.00
C GLU A 43 -9.47 -5.35 10.86
N ILE A 44 -8.82 -4.24 10.53
CA ILE A 44 -7.71 -3.78 11.36
C ILE A 44 -8.10 -3.60 12.84
N ALA A 45 -9.30 -3.09 13.10
CA ALA A 45 -9.69 -2.78 14.48
C ALA A 45 -9.73 -4.05 15.30
N LYS A 46 -10.12 -5.15 14.68
CA LYS A 46 -10.18 -6.44 15.38
C LYS A 46 -8.82 -6.90 15.93
N THR A 47 -7.73 -6.38 15.37
CA THR A 47 -6.37 -6.74 15.80
C THR A 47 -5.86 -5.92 16.98
N GLY A 48 -6.61 -4.90 17.38
CA GLY A 48 -6.18 -4.01 18.47
C GLY A 48 -5.26 -2.89 18.04
N SER A 49 -4.93 -2.85 16.75
CA SER A 49 -4.12 -1.78 16.18
C SER A 49 -4.88 -0.48 16.09
N ASP A 50 -4.15 0.62 16.20
CA ASP A 50 -4.74 1.93 15.99
C ASP A 50 -4.58 2.41 14.54
N GLN A 51 -3.99 1.59 13.67
CA GLN A 51 -3.87 1.94 12.27
C GLN A 51 -5.24 2.21 11.66
N TRP A 52 -5.40 3.41 11.12
CA TRP A 52 -6.64 3.88 10.46
C TRP A 52 -7.81 4.10 11.43
N GLN A 53 -7.53 4.13 12.73
CA GLN A 53 -8.58 4.19 13.76
C GLN A 53 -8.67 5.55 14.43
N LYS A 54 -8.02 6.55 13.87
CA LYS A 54 -7.89 7.86 14.54
C LYS A 54 -9.05 8.78 14.22
N GLU A 55 -9.20 9.82 15.03
CA GLU A 55 -10.33 10.75 14.88
C GLU A 55 -10.39 11.44 13.51
N ASP A 56 -9.24 11.65 12.88
CA ASP A 56 -9.19 12.25 11.55
C ASP A 56 -9.83 11.43 10.44
N GLY A 57 -10.16 10.16 10.72
CA GLY A 57 -10.80 9.28 9.73
C GLY A 57 -9.88 8.75 8.64
N TYR A 58 -8.58 9.03 8.75
CA TYR A 58 -7.63 8.62 7.74
C TYR A 58 -7.64 7.10 7.58
N PRO A 59 -7.68 6.60 6.33
CA PRO A 59 -7.88 7.31 5.08
C PRO A 59 -9.35 7.60 4.89
N ASN A 60 -9.70 8.85 4.64
CA ASN A 60 -11.09 9.22 4.44
C ASN A 60 -11.37 9.53 2.96
N ARG A 61 -12.60 9.91 2.65
CA ARG A 61 -13.02 10.12 1.28
CA ARG A 61 -12.99 10.10 1.27
C ARG A 61 -12.12 11.16 0.61
N ASN A 62 -11.82 12.23 1.34
CA ASN A 62 -10.94 13.25 0.80
C ASN A 62 -9.53 12.75 0.51
N ASP A 63 -9.01 11.88 1.37
CA ASP A 63 -7.72 11.26 1.10
C ASP A 63 -7.73 10.48 -0.22
N ILE A 64 -8.79 9.70 -0.43
CA ILE A 64 -8.89 8.90 -1.63
C ILE A 64 -9.13 9.76 -2.87
N ILE A 65 -9.98 10.79 -2.77
CA ILE A 65 -10.16 11.69 -3.91
CA ILE A 65 -10.14 11.64 -3.96
C ILE A 65 -8.83 12.35 -4.28
N ASP A 66 -8.07 12.74 -3.25
CA ASP A 66 -6.75 13.31 -3.51
C ASP A 66 -5.84 12.31 -4.24
N ASP A 67 -5.88 11.04 -3.85
CA ASP A 67 -5.14 10.01 -4.56
C ASP A 67 -5.54 9.90 -6.02
N ILE A 68 -6.83 10.00 -6.31
CA ILE A 68 -7.30 9.96 -7.69
C ILE A 68 -6.87 11.22 -8.45
N LEU A 69 -7.02 12.39 -7.84
CA LEU A 69 -6.58 13.64 -8.46
C LEU A 69 -5.10 13.63 -8.76
N ASN A 70 -4.31 13.12 -7.81
CA ASN A 70 -2.85 13.09 -7.95
C ASN A 70 -2.33 11.96 -8.84
N GLY A 71 -3.20 11.04 -9.27
CA GLY A 71 -2.77 9.93 -10.13
C GLY A 71 -2.10 8.80 -9.36
N TYR A 72 -2.36 8.74 -8.05
CA TYR A 72 -1.79 7.73 -7.16
C TYR A 72 -2.65 6.48 -7.05
N ALA A 73 -3.96 6.62 -7.29
CA ALA A 73 -4.91 5.58 -6.92
C ALA A 73 -4.97 4.46 -7.92
N TRP A 74 -4.62 3.26 -7.47
CA TRP A 74 -4.71 2.05 -8.28
C TRP A 74 -5.70 1.09 -7.66
N VAL A 75 -6.38 0.34 -8.53
CA VAL A 75 -7.30 -0.70 -8.06
C VAL A 75 -7.02 -2.02 -8.75
N GLY A 76 -7.45 -3.08 -8.11
CA GLY A 76 -7.43 -4.42 -8.72
C GLY A 76 -8.85 -4.91 -8.81
N ILE A 77 -9.21 -5.43 -9.99
CA ILE A 77 -10.55 -5.88 -10.30
C ILE A 77 -10.45 -7.39 -10.49
N GLU A 78 -11.26 -8.11 -9.72
CA GLU A 78 -11.28 -9.58 -9.70
C GLU A 78 -12.73 -9.97 -9.95
N ASP A 79 -12.97 -10.79 -10.99
CA ASP A 79 -14.31 -11.21 -11.37
C ASP A 79 -15.26 -10.02 -11.54
N GLY A 80 -14.77 -8.95 -12.16
CA GLY A 80 -15.60 -7.76 -12.40
C GLY A 80 -15.89 -6.87 -11.20
N LEU A 82 -14.42 -4.54 -7.80
CA LEU A 82 -13.30 -3.79 -7.25
C LEU A 82 -12.90 -4.45 -5.94
N ALA A 83 -11.72 -5.09 -5.94
CA ALA A 83 -11.30 -5.94 -4.86
C ALA A 83 -10.15 -5.40 -4.00
N THR A 84 -9.30 -4.56 -4.58
CA THR A 84 -8.13 -4.06 -3.90
C THR A 84 -7.91 -2.60 -4.30
N TYR A 85 -7.20 -1.91 -3.44
CA TYR A 85 -6.83 -0.51 -3.62
C TYR A 85 -5.44 -0.28 -3.09
N ALA A 86 -4.68 0.59 -3.73
CA ALA A 86 -3.46 1.14 -3.14
C ALA A 86 -3.16 2.46 -3.79
N ALA A 87 -2.47 3.31 -3.04
CA ALA A 87 -1.88 4.51 -3.59
C ALA A 87 -0.42 4.24 -3.90
N VAL A 88 0.03 4.65 -5.06
CA VAL A 88 1.40 4.44 -5.53
C VAL A 88 1.97 5.83 -5.81
N ILE A 89 3.04 6.19 -5.11
CA ILE A 89 3.62 7.52 -5.25
C ILE A 89 5.08 7.40 -5.65
N ASP A 90 5.44 8.09 -6.73
CA ASP A 90 6.79 8.16 -7.23
C ASP A 90 7.40 9.43 -6.69
N GLY A 91 8.40 9.30 -5.84
CA GLY A 91 9.06 10.48 -5.30
C GLY A 91 9.70 10.13 -3.97
N HIS A 92 9.61 11.03 -3.01
CA HIS A 92 10.33 10.94 -1.77
C HIS A 92 9.39 11.06 -0.58
N GLU A 93 9.63 10.26 0.45
CA GLU A 93 8.92 10.36 1.73
CA GLU A 93 8.91 10.33 1.71
C GLU A 93 9.85 10.93 2.76
N GLU A 94 9.58 12.16 3.21
CA GLU A 94 10.50 12.80 4.14
C GLU A 94 10.74 11.98 5.40
N VAL A 95 9.68 11.36 5.91
CA VAL A 95 9.79 10.62 7.17
CA VAL A 95 9.82 10.64 7.18
C VAL A 95 10.72 9.40 7.01
N TYR A 96 10.85 8.89 5.80
CA TYR A 96 11.76 7.77 5.55
C TYR A 96 13.22 8.13 5.77
N ASP A 97 13.56 9.42 5.69
CA ASP A 97 14.89 9.82 5.98
C ASP A 97 15.24 9.68 7.46
N ALA A 98 14.22 9.56 8.32
CA ALA A 98 14.40 9.43 9.75
C ALA A 98 14.44 7.98 10.19
N ILE A 99 14.69 7.06 9.27
CA ILE A 99 14.83 5.66 9.62
C ILE A 99 15.86 5.45 10.74
N TYR A 100 15.51 4.57 11.66
CA TYR A 100 16.37 4.23 12.78
C TYR A 100 16.22 2.76 13.14
N GLU A 101 17.11 2.28 14.02
CA GLU A 101 17.21 0.86 14.34
C GLU A 101 17.29 0.08 13.01
N GLY A 102 18.12 0.59 12.13
CA GLY A 102 18.30 0.04 10.81
C GLY A 102 18.57 1.15 9.82
N LYS A 103 18.54 0.79 8.55
CA LYS A 103 18.88 1.69 7.47
C LYS A 103 18.34 1.11 6.18
N TRP A 104 18.17 1.93 5.19
CA TRP A 104 17.68 1.46 3.90
C TRP A 104 18.77 0.69 3.17
N LEU A 105 18.38 -0.11 2.19
CA LEU A 105 19.32 -0.87 1.43
C LEU A 105 20.25 0.05 0.66
N HIS A 106 19.72 1.18 0.21
CA HIS A 106 20.49 2.31 -0.33
C HIS A 106 19.66 3.57 -0.15
N ASP A 107 20.30 4.74 -0.26
CA ASP A 107 19.66 5.99 0.14
CA ASP A 107 19.69 6.00 0.15
C ASP A 107 19.24 6.87 -1.03
N ASN A 108 18.89 6.27 -2.16
CA ASN A 108 18.37 7.08 -3.26
C ASN A 108 17.15 7.88 -2.81
N HIS A 109 17.03 9.08 -3.32
CA HIS A 109 15.98 10.01 -2.96
C HIS A 109 14.63 9.64 -3.57
N ARG A 110 14.63 9.06 -4.76
CA ARG A 110 13.40 8.87 -5.51
C ARG A 110 13.09 7.40 -5.58
N TYR A 111 11.88 7.03 -5.18
CA TYR A 111 11.46 5.62 -5.18
C TYR A 111 9.96 5.55 -5.30
N LEU A 112 9.43 4.35 -5.43
CA LEU A 112 7.97 4.12 -5.43
C LEU A 112 7.56 3.66 -4.06
N THR A 113 6.53 4.29 -3.52
CA THR A 113 6.01 3.90 -2.24
CA THR A 113 6.00 3.85 -2.25
C THR A 113 4.54 3.51 -2.40
N PHE A 114 4.13 2.46 -1.69
CA PHE A 114 2.74 2.07 -1.65
C PHE A 114 2.17 2.47 -0.31
N HIS A 115 1.01 3.10 -0.32
CA HIS A 115 0.29 3.49 0.88
C HIS A 115 -1.16 3.06 0.75
N ARG A 116 -1.88 3.07 1.86
CA ARG A 116 -3.33 2.92 1.85
C ARG A 116 -3.77 1.65 1.16
N ILE A 117 -3.06 0.56 1.41
CA ILE A 117 -3.36 -0.70 0.80
C ILE A 117 -4.56 -1.31 1.49
N ALA A 118 -5.59 -1.63 0.72
CA ALA A 118 -6.79 -2.23 1.25
C ALA A 118 -7.13 -3.41 0.40
N ILE A 119 -7.28 -4.55 1.04
CA ILE A 119 -7.38 -5.80 0.34
C ILE A 119 -8.65 -6.43 0.83
N SER A 120 -9.56 -6.65 -0.09
CA SER A 120 -10.82 -7.30 0.27
C SER A 120 -10.59 -8.60 1.00
N ASN A 121 -11.43 -8.86 2.01
CA ASN A 121 -11.46 -10.19 2.66
C ASN A 121 -12.66 -11.03 2.18
N GLN A 122 -13.60 -10.40 1.47
CA GLN A 122 -14.63 -11.08 0.68
C GLN A 122 -13.93 -11.77 -0.48
N PHE A 123 -12.77 -11.24 -0.83
CA PHE A 123 -11.74 -11.96 -1.57
C PHE A 123 -10.55 -12.20 -0.61
N ARG A 124 -10.67 -13.18 0.30
CA ARG A 124 -9.98 -13.16 1.61
C ARG A 124 -8.51 -13.55 1.80
N GLY A 125 -8.05 -14.66 1.20
CA GLY A 125 -6.83 -15.33 1.67
C GLY A 125 -5.42 -14.76 1.48
N ARG A 126 -5.29 -13.45 1.25
CA ARG A 126 -3.99 -12.77 0.86
C ARG A 126 -3.55 -13.07 -0.55
N GLY A 127 -4.13 -14.12 -1.13
CA GLY A 127 -3.98 -14.45 -2.52
C GLY A 127 -4.13 -13.17 -3.32
N LEU A 128 -5.24 -12.46 -3.12
CA LEU A 128 -5.45 -11.23 -3.90
C LEU A 128 -4.45 -10.14 -3.60
N ALA A 129 -4.05 -10.00 -2.34
CA ALA A 129 -3.07 -8.93 -2.04
C ALA A 129 -1.76 -9.13 -2.72
N GLN A 130 -1.24 -10.35 -2.67
CA GLN A 130 0.01 -10.63 -3.31
C GLN A 130 -0.09 -10.44 -4.80
N THR A 131 -1.20 -10.88 -5.40
CA THR A 131 -1.37 -10.74 -6.81
C THR A 131 -1.39 -9.26 -7.22
N PHE A 132 -2.15 -8.46 -6.48
CA PHE A 132 -2.28 -7.03 -6.76
C PHE A 132 -0.95 -6.33 -6.64
N LEU A 133 -0.27 -6.53 -5.50
CA LEU A 133 0.98 -5.85 -5.30
C LEU A 133 2.09 -6.33 -6.24
N GLN A 134 2.15 -7.64 -6.50
CA GLN A 134 3.08 -8.17 -7.47
CA GLN A 134 3.09 -8.15 -7.46
C GLN A 134 2.82 -7.55 -8.84
N GLY A 135 1.54 -7.44 -9.21
CA GLY A 135 1.16 -6.80 -10.48
C GLY A 135 1.58 -5.33 -10.58
N LEU A 136 1.41 -4.58 -9.48
CA LEU A 136 1.91 -3.19 -9.43
C LEU A 136 3.42 -3.13 -9.59
N ILE A 137 4.12 -4.05 -8.94
CA ILE A 137 5.59 -4.08 -9.04
C ILE A 137 5.99 -4.44 -10.47
N GLU A 138 5.34 -5.43 -11.06
CA GLU A 138 5.68 -5.81 -12.45
C GLU A 138 5.41 -4.67 -13.41
N GLY A 139 4.34 -3.93 -13.16
CA GLY A 139 3.89 -2.86 -14.04
C GLY A 139 4.66 -1.55 -13.95
N HIS A 140 5.54 -1.41 -12.96
CA HIS A 140 6.30 -0.17 -12.79
C HIS A 140 7.77 -0.47 -12.94
N LYS A 141 8.51 0.46 -13.55
CA LYS A 141 9.94 0.26 -13.72
C LYS A 141 10.65 0.21 -12.37
N GLY A 142 10.30 1.11 -11.47
CA GLY A 142 11.01 1.21 -10.21
C GLY A 142 12.44 1.60 -10.52
N PRO A 143 13.43 0.81 -10.05
CA PRO A 143 13.34 -0.51 -9.43
C PRO A 143 13.21 -0.52 -7.91
N ASP A 144 13.11 0.65 -7.27
CA ASP A 144 13.14 0.77 -5.82
C ASP A 144 11.72 0.97 -5.34
N PHE A 145 11.24 -0.02 -4.58
CA PHE A 145 9.90 -0.04 -4.03
C PHE A 145 9.98 -0.04 -2.52
N ARG A 146 9.22 0.82 -1.88
CA ARG A 146 9.22 0.90 -0.41
C ARG A 146 7.80 0.87 0.14
N CYS A 147 7.67 0.51 1.39
CA CYS A 147 6.37 0.39 2.05
C CYS A 147 6.64 0.44 3.52
N ASP A 148 5.70 0.88 4.30
CA ASP A 148 5.84 0.80 5.76
C ASP A 148 4.53 0.27 6.28
N THR A 149 4.56 -0.37 7.43
CA THR A 149 3.33 -0.82 8.05
C THR A 149 3.42 -0.76 9.56
N HIS A 150 2.26 -0.90 10.18
CA HIS A 150 2.15 -0.88 11.61
C HIS A 150 2.76 -2.15 12.19
N GLU A 151 3.30 -2.01 13.40
CA GLU A 151 3.88 -3.13 14.08
C GLU A 151 2.92 -4.28 14.28
N LYS A 152 1.63 -3.97 14.46
CA LYS A 152 0.63 -5.00 14.69
C LYS A 152 0.07 -5.62 13.40
N ASN A 153 0.45 -5.07 12.24
CA ASN A 153 -0.07 -5.51 10.94
C ASN A 153 0.76 -6.67 10.39
N VAL A 154 0.61 -7.79 11.07
CA VAL A 154 1.38 -8.97 10.72
C VAL A 154 0.98 -9.45 9.34
N THR A 155 -0.28 -9.24 8.96
CA THR A 155 -0.72 -9.66 7.65
C THR A 155 0.07 -8.92 6.56
N GLN A 157 2.99 -7.39 7.02
CA GLN A 157 4.40 -7.83 7.13
C GLN A 157 4.59 -9.10 6.31
N HIS A 158 3.65 -10.00 6.45
CA HIS A 158 3.75 -11.28 5.78
C HIS A 158 3.75 -11.11 4.26
N ILE A 159 2.78 -10.33 3.78
CA ILE A 159 2.67 -10.06 2.35
C ILE A 159 3.98 -9.44 1.81
N LEU A 160 4.52 -8.46 2.52
CA LEU A 160 5.74 -7.82 2.07
C LEU A 160 6.91 -8.79 2.02
N ASN A 161 7.00 -9.66 3.02
CA ASN A 161 8.03 -10.70 3.07
C ASN A 161 7.87 -11.62 1.85
N LYS A 162 6.64 -12.04 1.57
CA LYS A 162 6.39 -12.96 0.45
C LYS A 162 6.76 -12.35 -0.88
N LEU A 163 6.60 -11.03 -0.99
CA LEU A 163 6.91 -10.32 -2.23
C LEU A 163 8.39 -10.01 -2.34
N GLY A 164 9.17 -10.32 -1.32
CA GLY A 164 10.62 -10.12 -1.43
C GLY A 164 11.08 -8.79 -0.89
N TYR A 165 10.24 -8.08 -0.15
CA TYR A 165 10.71 -6.88 0.52
C TYR A 165 11.59 -7.28 1.69
N GLN A 166 12.59 -6.46 1.97
CA GLN A 166 13.45 -6.63 3.14
C GLN A 166 13.07 -5.62 4.21
N TYR A 167 12.93 -6.08 5.44
CA TYR A 167 12.79 -5.18 6.57
C TYR A 167 14.06 -4.38 6.76
N CYS A 168 13.91 -3.07 6.84
CA CYS A 168 15.02 -2.16 6.93
C CYS A 168 15.19 -1.48 8.28
N GLY A 169 14.09 -1.18 8.96
CA GLY A 169 14.17 -0.43 10.23
C GLY A 169 12.86 0.21 10.53
N LYS A 170 12.92 1.14 11.47
CA LYS A 170 11.74 1.81 11.95
C LYS A 170 11.74 3.24 11.46
N VAL A 171 10.56 3.75 11.16
CA VAL A 171 10.43 5.17 10.82
C VAL A 171 9.38 5.80 11.72
N PRO A 172 9.57 7.07 12.08
CA PRO A 172 8.67 7.73 13.03
C PRO A 172 7.41 8.33 12.41
N LEU A 173 6.56 7.48 11.91
CA LEU A 173 5.31 7.84 11.23
C LEU A 173 4.19 7.34 12.13
N ASP A 174 3.34 8.26 12.59
CA ASP A 174 2.20 7.95 13.44
C ASP A 174 2.61 7.09 14.63
N GLY A 175 3.68 7.52 15.31
CA GLY A 175 4.36 6.71 16.31
C GLY A 175 5.49 5.96 15.64
N VAL A 176 5.31 4.67 15.40
CA VAL A 176 6.35 3.86 14.75
C VAL A 176 5.76 3.08 13.59
N ARG A 177 6.53 2.99 12.52
CA ARG A 177 6.18 2.08 11.44
C ARG A 177 7.42 1.26 11.10
N LEU A 178 7.17 0.05 10.64
CA LEU A 178 8.18 -0.87 10.14
C LEU A 178 8.38 -0.61 8.67
N ALA A 179 9.61 -0.34 8.26
CA ALA A 179 9.92 0.09 6.92
C ALA A 179 10.54 -1.06 6.13
N TYR A 180 10.10 -1.23 4.90
CA TYR A 180 10.45 -2.32 4.00
C TYR A 180 10.88 -1.78 2.64
N GLN A 181 11.84 -2.46 2.00
CA GLN A 181 12.30 -2.09 0.67
C GLN A 181 12.53 -3.32 -0.18
N LYS A 182 12.12 -3.22 -1.43
CA LYS A 182 12.36 -4.23 -2.44
C LYS A 182 13.02 -3.59 -3.62
N ILE A 183 14.11 -4.19 -4.10
CA ILE A 183 14.71 -3.79 -5.36
C ILE A 183 14.30 -4.83 -6.42
N LYS A 184 13.55 -4.37 -7.42
CA LYS A 184 13.12 -5.21 -8.52
C LYS A 184 14.32 -5.61 -9.37
N GLU A 185 14.47 -6.91 -9.58
CA GLU A 185 15.44 -7.41 -10.55
C GLU A 185 14.61 -7.72 -11.78
N LYS A 186 14.75 -6.85 -12.79
CA LYS A 186 14.01 -6.99 -14.04
C LYS A 186 14.79 -7.84 -15.04
#